data_5LOH
#
_entry.id   5LOH
#
_cell.length_a   42.897
_cell.length_b   80.283
_cell.length_c   179.939
_cell.angle_alpha   90.00
_cell.angle_beta   90.00
_cell.angle_gamma   90.00
#
_symmetry.space_group_name_H-M   'P 21 21 21'
#
loop_
_entity.id
_entity.type
_entity.pdbx_description
1 polymer 'Serine/threonine-protein kinase greatwall,Serine/threonine-protein kinase greatwall'
2 non-polymer STAUROSPORINE
3 non-polymer 'CHLORIDE ION'
4 non-polymer 1,2-ETHANEDIOL
5 water water
#
_entity_poly.entity_id   1
_entity_poly.type   'polypeptide(L)'
_entity_poly.pdbx_seq_one_letter_code
;GPHMDPTAGSKKEPGGGAATEEGVNRIAVPKPPSIEEFSIVKPISRGAFGKVYLGQKGGKLYAVKVVKKADMINKNMTHQ
VQAERDALALSKSPFIVHLYYSLQSANNVYLVMEYLIGGDVKSLLHIYGYFDEEMAVKYISEVALALDYLHRHGIIHRDL
KPDNMLISNEGHIKLTDFGLSKVTLNRDINMMDILTTRTFCGTPDYLAPELLLGRAHGPAVDWWALGVCLFEFLTGIPPF
NDETPQQVFQNILKRDIPWPEGEEKLSDNAQSAVEILLTIDDTKRAGMKELKRHPLFSDVDWENLQHQTMPFIPQPDDET
DTSYFEARNTAQHLTVSGFSL
;
_entity_poly.pdbx_strand_id   A,B
#
# COMPACT_ATOMS: atom_id res chain seq x y z
N PRO A 33 -10.98 -9.09 -34.39
CA PRO A 33 -11.68 -9.60 -33.21
C PRO A 33 -12.99 -8.85 -32.95
N SER A 34 -14.12 -9.47 -33.30
CA SER A 34 -15.43 -8.86 -33.15
C SER A 34 -16.18 -9.51 -31.99
N ILE A 35 -16.98 -8.69 -31.30
CA ILE A 35 -17.71 -9.18 -30.14
C ILE A 35 -18.84 -10.11 -30.55
N GLU A 36 -19.49 -9.81 -31.68
CA GLU A 36 -20.61 -10.62 -32.14
C GLU A 36 -20.19 -11.99 -32.64
N GLU A 37 -18.89 -12.26 -32.75
CA GLU A 37 -18.39 -13.56 -33.16
C GLU A 37 -18.32 -14.57 -32.02
N PHE A 38 -18.91 -14.26 -30.87
CA PHE A 38 -18.88 -15.15 -29.71
C PHE A 38 -20.31 -15.60 -29.40
N SER A 39 -20.66 -16.80 -29.86
CA SER A 39 -21.95 -17.39 -29.52
C SER A 39 -22.03 -17.64 -28.02
N ILE A 40 -22.90 -16.91 -27.33
CA ILE A 40 -22.99 -16.99 -25.87
C ILE A 40 -23.71 -18.29 -25.50
N VAL A 41 -22.98 -19.25 -24.94
CA VAL A 41 -23.52 -20.56 -24.62
C VAL A 41 -24.31 -20.47 -23.32
N LYS A 42 -23.62 -20.62 -22.18
CA LYS A 42 -24.22 -20.64 -20.87
C LYS A 42 -23.69 -19.51 -20.00
N PRO A 43 -24.54 -18.86 -19.21
CA PRO A 43 -24.04 -17.87 -18.26
C PRO A 43 -23.29 -18.55 -17.11
N ILE A 44 -22.04 -18.14 -16.90
CA ILE A 44 -21.25 -18.69 -15.82
C ILE A 44 -21.82 -18.24 -14.47
N SER A 45 -21.83 -16.94 -14.23
CA SER A 45 -22.44 -16.36 -13.04
C SER A 45 -22.63 -14.86 -13.19
N GLY A 50 -20.41 -7.75 -13.54
CA GLY A 50 -20.53 -8.74 -12.48
C GLY A 50 -21.06 -10.07 -12.95
N LYS A 51 -21.17 -10.23 -14.27
CA LYS A 51 -21.67 -11.45 -14.89
C LYS A 51 -20.63 -12.01 -15.85
N VAL A 52 -20.50 -13.33 -15.85
CA VAL A 52 -19.58 -14.04 -16.73
C VAL A 52 -20.38 -15.04 -17.55
N TYR A 53 -20.04 -15.17 -18.84
CA TYR A 53 -20.73 -16.07 -19.74
C TYR A 53 -19.72 -16.96 -20.44
N LEU A 54 -20.15 -18.18 -20.76
CA LEU A 54 -19.35 -19.09 -21.57
C LEU A 54 -19.63 -18.81 -23.04
N GLY A 55 -18.66 -18.22 -23.74
CA GLY A 55 -18.77 -17.97 -25.15
C GLY A 55 -17.99 -18.98 -25.97
N GLN A 56 -18.30 -19.03 -27.26
CA GLN A 56 -17.65 -19.98 -28.17
C GLN A 56 -17.35 -19.30 -29.50
N LYS A 57 -16.18 -19.64 -30.06
CA LYS A 57 -15.79 -19.16 -31.38
C LYS A 57 -15.63 -20.38 -32.27
N GLY A 58 -14.45 -20.58 -32.86
CA GLY A 58 -14.21 -21.75 -33.67
C GLY A 58 -13.91 -22.98 -32.84
N GLY A 59 -14.93 -23.47 -32.14
CA GLY A 59 -14.77 -24.63 -31.28
C GLY A 59 -14.19 -24.30 -29.92
N LYS A 60 -13.39 -23.22 -29.87
CA LYS A 60 -12.73 -22.83 -28.63
C LYS A 60 -13.71 -22.15 -27.68
N LEU A 61 -13.64 -22.54 -26.41
CA LEU A 61 -14.48 -21.99 -25.35
C LEU A 61 -13.76 -20.86 -24.64
N TYR A 62 -14.52 -19.86 -24.20
CA TYR A 62 -13.96 -18.69 -23.55
C TYR A 62 -14.88 -18.23 -22.43
N ALA A 63 -14.29 -17.57 -21.43
CA ALA A 63 -15.04 -16.97 -20.34
C ALA A 63 -15.05 -15.46 -20.56
N VAL A 64 -16.23 -14.92 -20.85
CA VAL A 64 -16.41 -13.52 -21.22
C VAL A 64 -17.13 -12.83 -20.07
N LYS A 65 -16.43 -11.97 -19.34
CA LYS A 65 -17.02 -11.21 -18.27
C LYS A 65 -17.44 -9.84 -18.78
N VAL A 66 -18.65 -9.41 -18.41
CA VAL A 66 -19.21 -8.14 -18.86
C VAL A 66 -19.09 -7.12 -17.74
N VAL A 67 -18.72 -5.89 -18.10
CA VAL A 67 -18.68 -4.77 -17.17
C VAL A 67 -19.43 -3.61 -17.81
N LYS A 68 -20.40 -3.06 -17.07
CA LYS A 68 -21.17 -1.92 -17.56
C LYS A 68 -20.25 -0.71 -17.70
N LYS A 69 -20.37 -0.02 -18.84
CA LYS A 69 -19.47 1.09 -19.17
C LYS A 69 -19.63 2.28 -18.22
N ALA A 70 -20.66 2.29 -17.38
CA ALA A 70 -20.81 3.39 -16.42
C ALA A 70 -19.68 3.39 -15.40
N ASP A 71 -19.32 2.21 -14.88
CA ASP A 71 -18.23 2.10 -13.91
C ASP A 71 -16.89 2.34 -14.58
N MET A 72 -16.41 1.34 -15.34
CA MET A 72 -15.13 1.42 -16.04
C MET A 72 -13.97 1.75 -15.10
N LEU A 88 -5.71 -4.52 -22.23
CA LEU A 88 -4.96 -3.50 -21.52
C LEU A 88 -3.48 -3.89 -21.40
N ALA A 89 -3.09 -4.32 -20.21
CA ALA A 89 -1.73 -4.79 -19.94
C ALA A 89 -1.75 -6.29 -19.74
N LEU A 90 -0.88 -7.00 -20.47
CA LEU A 90 -0.86 -8.45 -20.46
C LEU A 90 -0.01 -8.96 -19.30
N SER A 91 -0.56 -9.93 -18.56
CA SER A 91 0.16 -10.64 -17.51
C SER A 91 0.09 -12.13 -17.85
N LYS A 92 1.12 -12.61 -18.54
CA LYS A 92 1.21 -14.02 -18.93
C LYS A 92 1.96 -14.78 -17.86
N SER A 93 1.24 -15.56 -17.06
CA SER A 93 1.80 -16.32 -15.96
C SER A 93 1.02 -17.61 -15.79
N PRO A 94 1.67 -18.69 -15.36
CA PRO A 94 0.95 -19.97 -15.19
C PRO A 94 -0.11 -19.94 -14.10
N PHE A 95 -0.05 -18.99 -13.17
CA PHE A 95 -0.98 -18.95 -12.04
C PHE A 95 -1.89 -17.73 -12.09
N ILE A 96 -2.13 -17.20 -13.28
CA ILE A 96 -3.05 -16.09 -13.48
C ILE A 96 -3.94 -16.43 -14.68
N VAL A 97 -5.22 -16.09 -14.58
CA VAL A 97 -6.16 -16.34 -15.66
C VAL A 97 -5.76 -15.50 -16.87
N HIS A 98 -5.33 -16.17 -17.93
CA HIS A 98 -4.86 -15.47 -19.12
C HIS A 98 -6.03 -14.75 -19.79
N LEU A 99 -5.84 -13.46 -20.07
CA LEU A 99 -6.83 -12.64 -20.73
C LEU A 99 -6.49 -12.52 -22.21
N TYR A 100 -7.51 -12.65 -23.06
CA TYR A 100 -7.33 -12.67 -24.51
C TYR A 100 -7.67 -11.34 -25.16
N TYR A 101 -8.88 -10.84 -24.94
CA TYR A 101 -9.36 -9.63 -25.60
C TYR A 101 -10.03 -8.72 -24.59
N SER A 102 -10.14 -7.44 -24.96
CA SER A 102 -10.85 -6.44 -24.17
C SER A 102 -11.76 -5.64 -25.10
N LEU A 103 -12.69 -6.33 -25.75
CA LEU A 103 -13.59 -5.69 -26.68
C LEU A 103 -14.59 -4.79 -25.95
N GLN A 104 -14.79 -3.58 -26.47
CA GLN A 104 -15.71 -2.61 -25.91
C GLN A 104 -16.74 -2.23 -26.97
N SER A 105 -18.01 -2.50 -26.70
CA SER A 105 -19.08 -2.21 -27.65
C SER A 105 -19.72 -0.86 -27.38
N ALA A 106 -21.05 -0.82 -27.43
CA ALA A 106 -21.79 0.42 -27.24
C ALA A 106 -21.60 0.99 -25.84
N ASN A 107 -22.36 0.48 -24.88
CA ASN A 107 -22.29 0.92 -23.49
C ASN A 107 -21.89 -0.22 -22.57
N ASN A 108 -21.00 -1.08 -23.03
CA ASN A 108 -20.53 -2.21 -22.24
C ASN A 108 -19.13 -2.59 -22.69
N VAL A 109 -18.33 -3.09 -21.74
CA VAL A 109 -16.99 -3.57 -22.02
C VAL A 109 -16.94 -5.07 -21.73
N TYR A 110 -16.30 -5.81 -22.64
CA TYR A 110 -16.25 -7.27 -22.57
C TYR A 110 -14.82 -7.74 -22.38
N LEU A 111 -14.63 -8.70 -21.49
CA LEU A 111 -13.32 -9.27 -21.20
C LEU A 111 -13.34 -10.74 -21.59
N VAL A 112 -12.49 -11.12 -22.54
CA VAL A 112 -12.40 -12.49 -23.03
C VAL A 112 -11.18 -13.13 -22.39
N MET A 113 -11.42 -14.09 -21.50
CA MET A 113 -10.36 -14.82 -20.81
C MET A 113 -10.49 -16.30 -21.11
N GLU A 114 -9.41 -17.04 -20.81
CA GLU A 114 -9.45 -18.48 -20.98
C GLU A 114 -10.49 -19.11 -20.07
N TYR A 115 -11.15 -20.15 -20.56
CA TYR A 115 -12.17 -20.85 -19.79
C TYR A 115 -11.54 -22.00 -19.01
N LEU A 116 -11.79 -22.03 -17.71
CA LEU A 116 -11.28 -23.08 -16.83
C LEU A 116 -12.46 -23.90 -16.33
N ILE A 117 -12.62 -25.11 -16.87
CA ILE A 117 -13.75 -25.97 -16.51
C ILE A 117 -13.67 -26.48 -15.08
N GLY A 118 -12.53 -26.30 -14.41
CA GLY A 118 -12.38 -26.80 -13.06
C GLY A 118 -13.20 -26.07 -12.01
N GLY A 119 -13.79 -24.93 -12.36
CA GLY A 119 -14.55 -24.16 -11.38
C GLY A 119 -13.63 -23.39 -10.45
N ASP A 120 -14.13 -23.11 -9.26
CA ASP A 120 -13.35 -22.42 -8.24
C ASP A 120 -13.01 -23.38 -7.09
N VAL A 121 -12.11 -22.92 -6.22
CA VAL A 121 -11.67 -23.75 -5.11
C VAL A 121 -12.69 -23.77 -3.97
N LYS A 122 -13.62 -22.82 -3.93
N LYS A 122 -13.60 -22.80 -3.94
CA LYS A 122 -14.65 -22.85 -2.90
CA LYS A 122 -14.66 -22.82 -2.93
C LYS A 122 -15.60 -24.02 -3.10
C LYS A 122 -15.57 -24.03 -3.11
N SER A 123 -16.04 -24.24 -4.34
CA SER A 123 -16.95 -25.37 -4.60
C SER A 123 -16.25 -26.69 -4.39
N LEU A 124 -15.02 -26.84 -4.91
CA LEU A 124 -14.25 -28.05 -4.68
C LEU A 124 -14.01 -28.28 -3.19
N LEU A 125 -13.85 -27.20 -2.43
CA LEU A 125 -13.70 -27.32 -0.99
C LEU A 125 -14.98 -27.81 -0.34
N HIS A 126 -16.13 -27.33 -0.84
CA HIS A 126 -17.41 -27.81 -0.33
C HIS A 126 -17.63 -29.28 -0.65
N ILE A 127 -17.15 -29.75 -1.81
CA ILE A 127 -17.25 -31.17 -2.13
C ILE A 127 -16.33 -31.98 -1.23
N TYR A 128 -15.06 -31.58 -1.15
CA TYR A 128 -14.10 -32.29 -0.31
C TYR A 128 -14.38 -32.13 1.17
N GLY A 129 -15.10 -31.09 1.57
CA GLY A 129 -15.23 -30.77 2.99
C GLY A 129 -14.00 -30.07 3.53
N TYR A 130 -12.82 -30.68 3.36
CA TYR A 130 -11.55 -30.05 3.68
C TYR A 130 -10.47 -30.78 2.92
N PHE A 131 -9.35 -30.10 2.73
CA PHE A 131 -8.19 -30.69 2.07
C PHE A 131 -7.20 -31.21 3.12
N ASP A 132 -6.60 -32.35 2.83
CA ASP A 132 -5.49 -32.82 3.65
C ASP A 132 -4.29 -31.90 3.43
N GLU A 133 -3.21 -32.17 4.18
CA GLU A 133 -2.13 -31.18 4.27
C GLU A 133 -1.45 -30.98 2.92
N GLU A 134 -1.13 -32.05 2.20
CA GLU A 134 -0.33 -31.91 1.00
C GLU A 134 -1.09 -31.19 -0.10
N MET A 135 -2.41 -31.42 -0.20
CA MET A 135 -3.21 -30.71 -1.19
C MET A 135 -3.31 -29.22 -0.86
N ALA A 136 -3.55 -28.90 0.42
CA ALA A 136 -3.62 -27.50 0.84
C ALA A 136 -2.28 -26.80 0.65
N VAL A 137 -1.17 -27.51 0.85
CA VAL A 137 0.14 -26.88 0.70
C VAL A 137 0.49 -26.68 -0.75
N LYS A 138 0.09 -27.62 -1.63
CA LYS A 138 0.28 -27.39 -3.06
C LYS A 138 -0.52 -26.19 -3.54
N TYR A 139 -1.82 -26.18 -3.22
CA TYR A 139 -2.68 -25.06 -3.61
C TYR A 139 -2.15 -23.74 -3.09
N ILE A 140 -1.84 -23.70 -1.79
CA ILE A 140 -1.36 -22.47 -1.16
C ILE A 140 -0.02 -22.04 -1.77
N SER A 141 0.82 -23.01 -2.14
CA SER A 141 2.08 -22.67 -2.79
C SER A 141 1.82 -21.98 -4.12
N GLU A 142 0.97 -22.57 -4.97
CA GLU A 142 0.69 -21.95 -6.26
C GLU A 142 0.07 -20.58 -6.11
N VAL A 143 -0.87 -20.42 -5.16
CA VAL A 143 -1.46 -19.10 -4.92
C VAL A 143 -0.40 -18.13 -4.42
N ALA A 144 0.61 -18.61 -3.69
CA ALA A 144 1.66 -17.72 -3.20
C ALA A 144 2.57 -17.27 -4.34
N LEU A 145 2.89 -18.17 -5.27
CA LEU A 145 3.65 -17.76 -6.45
C LEU A 145 2.86 -16.74 -7.27
N ALA A 146 1.55 -16.94 -7.42
CA ALA A 146 0.74 -15.95 -8.10
C ALA A 146 0.77 -14.61 -7.38
N LEU A 147 0.71 -14.64 -6.05
CA LEU A 147 0.74 -13.40 -5.27
C LEU A 147 2.06 -12.67 -5.45
N ASP A 148 3.17 -13.41 -5.42
CA ASP A 148 4.47 -12.77 -5.58
C ASP A 148 4.63 -12.20 -6.98
N TYR A 149 4.19 -12.94 -8.00
CA TYR A 149 4.17 -12.39 -9.35
C TYR A 149 3.34 -11.11 -9.43
N LEU A 150 2.24 -11.07 -8.68
CA LEU A 150 1.38 -9.89 -8.71
C LEU A 150 2.03 -8.71 -8.00
N HIS A 151 2.69 -8.95 -6.88
CA HIS A 151 3.33 -7.86 -6.14
C HIS A 151 4.54 -7.32 -6.89
N ARG A 152 5.29 -8.20 -7.56
CA ARG A 152 6.44 -7.76 -8.34
C ARG A 152 6.04 -6.85 -9.49
N HIS A 153 4.79 -6.91 -9.93
CA HIS A 153 4.26 -6.03 -10.97
C HIS A 153 3.53 -4.82 -10.41
N GLY A 154 3.66 -4.57 -9.10
CA GLY A 154 3.02 -3.42 -8.49
C GLY A 154 1.55 -3.58 -8.22
N ILE A 155 1.04 -4.80 -8.17
CA ILE A 155 -0.38 -5.08 -7.99
C ILE A 155 -0.60 -5.69 -6.62
N ILE A 156 -1.58 -5.15 -5.89
CA ILE A 156 -2.10 -5.77 -4.67
C ILE A 156 -3.42 -6.42 -5.02
N HIS A 157 -3.52 -7.73 -4.83
CA HIS A 157 -4.73 -8.45 -5.25
C HIS A 157 -5.96 -7.90 -4.56
N ARG A 158 -5.88 -7.69 -3.24
CA ARG A 158 -6.87 -7.02 -2.42
C ARG A 158 -8.19 -7.78 -2.29
N ASP A 159 -8.29 -8.99 -2.83
CA ASP A 159 -9.55 -9.74 -2.76
C ASP A 159 -9.31 -11.23 -2.91
N LEU A 160 -8.33 -11.76 -2.18
CA LEU A 160 -7.99 -13.17 -2.27
C LEU A 160 -8.95 -14.00 -1.42
N LYS A 161 -9.54 -15.02 -2.04
CA LYS A 161 -10.47 -15.93 -1.37
C LYS A 161 -10.67 -17.13 -2.27
N PRO A 162 -11.09 -18.27 -1.71
CA PRO A 162 -11.32 -19.47 -2.54
C PRO A 162 -12.30 -19.25 -3.69
N ASP A 163 -13.17 -18.23 -3.61
CA ASP A 163 -14.07 -17.93 -4.72
C ASP A 163 -13.30 -17.51 -5.95
N ASN A 164 -12.15 -16.87 -5.77
CA ASN A 164 -11.40 -16.25 -6.87
C ASN A 164 -10.27 -17.14 -7.39
N MET A 165 -10.05 -18.30 -6.79
CA MET A 165 -9.03 -19.24 -7.28
C MET A 165 -9.70 -20.23 -8.21
N LEU A 166 -9.33 -20.20 -9.47
CA LEU A 166 -9.85 -21.14 -10.46
C LEU A 166 -8.88 -22.30 -10.65
N ILE A 167 -9.41 -23.41 -11.16
CA ILE A 167 -8.68 -24.67 -11.26
C ILE A 167 -8.39 -24.95 -12.74
N SER A 168 -7.12 -25.10 -13.07
CA SER A 168 -6.71 -25.38 -14.44
C SER A 168 -7.15 -26.77 -14.86
N ASN A 169 -7.11 -27.01 -16.18
CA ASN A 169 -7.46 -28.32 -16.71
C ASN A 169 -6.52 -29.40 -16.20
N GLU A 170 -5.28 -29.04 -15.90
CA GLU A 170 -4.29 -29.97 -15.35
C GLU A 170 -4.23 -29.90 -13.83
N GLY A 171 -5.19 -29.24 -13.19
CA GLY A 171 -5.28 -29.20 -11.75
C GLY A 171 -4.62 -28.01 -11.09
N HIS A 172 -3.91 -27.16 -11.84
CA HIS A 172 -3.22 -26.02 -11.26
C HIS A 172 -4.21 -24.91 -10.91
N ILE A 173 -3.70 -23.88 -10.23
CA ILE A 173 -4.52 -22.80 -9.70
C ILE A 173 -4.19 -21.52 -10.45
N LYS A 174 -5.22 -20.77 -10.81
CA LYS A 174 -5.06 -19.48 -11.47
C LYS A 174 -5.91 -18.44 -10.73
N LEU A 175 -5.30 -17.31 -10.39
CA LEU A 175 -6.01 -16.23 -9.73
C LEU A 175 -6.69 -15.32 -10.75
N THR A 176 -7.76 -14.67 -10.30
CA THR A 176 -8.44 -13.67 -11.10
C THR A 176 -9.13 -12.70 -10.14
N ASP A 177 -9.82 -11.71 -10.71
CA ASP A 177 -10.54 -10.69 -9.94
C ASP A 177 -9.57 -9.86 -9.08
N PHE A 178 -8.39 -9.58 -9.63
CA PHE A 178 -7.38 -8.78 -8.95
C PHE A 178 -7.23 -7.38 -9.51
N GLY A 179 -7.62 -7.17 -10.76
CA GLY A 179 -7.55 -5.88 -11.42
C GLY A 179 -8.33 -5.97 -12.71
N LEU A 180 -8.44 -7.20 -13.22
CA LEU A 180 -9.35 -7.48 -14.33
C LEU A 180 -10.79 -7.20 -13.94
N SER A 181 -11.10 -7.32 -12.65
CA SER A 181 -12.48 -7.18 -12.17
C SER A 181 -12.61 -6.37 -10.88
N LYS A 182 -11.59 -6.30 -10.04
CA LYS A 182 -11.66 -5.53 -8.79
C LYS A 182 -10.27 -5.15 -8.30
N PHE A 200 -16.52 -0.90 0.47
CA PHE A 200 -16.34 -2.13 1.21
C PHE A 200 -17.55 -3.03 1.03
N CYS A 201 -17.37 -4.34 1.25
CA CYS A 201 -18.45 -5.30 1.11
C CYS A 201 -18.06 -6.60 1.81
N GLY A 202 -19.01 -7.18 2.52
CA GLY A 202 -18.82 -8.48 3.13
C GLY A 202 -18.82 -9.59 2.09
N THR A 203 -18.35 -10.78 2.45
CA THR A 203 -17.95 -11.12 3.82
C THR A 203 -16.57 -10.59 4.18
N PRO A 204 -16.38 -10.20 5.44
CA PRO A 204 -15.07 -9.74 5.88
C PRO A 204 -14.24 -10.86 6.49
N ASP A 205 -14.39 -12.08 5.99
CA ASP A 205 -13.65 -13.21 6.54
C ASP A 205 -12.16 -13.16 6.18
N TYR A 206 -11.83 -12.54 5.05
CA TYR A 206 -10.48 -12.57 4.53
C TYR A 206 -9.77 -11.22 4.63
N LEU A 207 -10.39 -10.23 5.26
CA LEU A 207 -9.78 -8.92 5.38
C LEU A 207 -8.80 -8.90 6.55
N ALA A 208 -7.69 -8.21 6.35
CA ALA A 208 -6.67 -8.06 7.38
C ALA A 208 -7.14 -7.05 8.44
N PRO A 209 -6.54 -7.09 9.63
CA PRO A 209 -6.92 -6.10 10.66
C PRO A 209 -6.70 -4.66 10.21
N GLU A 210 -5.62 -4.39 9.47
CA GLU A 210 -5.37 -3.04 9.01
C GLU A 210 -6.39 -2.58 7.97
N LEU A 211 -7.12 -3.52 7.36
CA LEU A 211 -8.19 -3.12 6.44
C LEU A 211 -9.44 -2.70 7.21
N LEU A 212 -9.78 -3.43 8.28
CA LEU A 212 -10.94 -3.07 9.08
C LEU A 212 -10.75 -1.71 9.76
N LEU A 213 -9.54 -1.45 10.26
CA LEU A 213 -9.27 -0.20 10.96
C LEU A 213 -9.22 1.01 10.04
N GLY A 214 -9.30 0.81 8.73
CA GLY A 214 -9.34 1.93 7.81
C GLY A 214 -8.00 2.60 7.59
N ARG A 215 -6.91 1.94 7.94
CA ARG A 215 -5.58 2.49 7.78
C ARG A 215 -4.92 1.96 6.51
N ALA A 216 -3.76 2.52 6.19
CA ALA A 216 -2.91 2.00 5.12
C ALA A 216 -1.85 1.12 5.75
N HIS A 217 -1.72 -0.19 5.46
CA HIS A 217 -2.30 -1.07 4.40
C HIS A 217 -1.43 -1.02 3.15
N GLY A 218 -0.74 -2.13 2.91
CA GLY A 218 0.05 -2.33 1.72
C GLY A 218 -0.21 -3.70 1.13
N PRO A 219 0.82 -4.36 0.60
CA PRO A 219 0.62 -5.70 0.02
C PRO A 219 0.49 -6.81 1.04
N ALA A 220 0.88 -6.56 2.30
CA ALA A 220 0.83 -7.61 3.31
C ALA A 220 -0.59 -8.16 3.49
N VAL A 221 -1.60 -7.36 3.16
CA VAL A 221 -2.99 -7.83 3.27
C VAL A 221 -3.17 -9.12 2.47
N ASP A 222 -2.59 -9.18 1.26
CA ASP A 222 -2.73 -10.37 0.44
C ASP A 222 -2.23 -11.61 1.17
N TRP A 223 -1.22 -11.47 2.01
CA TRP A 223 -0.71 -12.63 2.73
C TRP A 223 -1.63 -12.99 3.89
N TRP A 224 -2.21 -11.99 4.56
CA TRP A 224 -3.18 -12.28 5.61
C TRP A 224 -4.32 -13.15 5.08
N ALA A 225 -4.93 -12.70 3.97
CA ALA A 225 -5.94 -13.52 3.30
C ALA A 225 -5.43 -14.93 3.03
N LEU A 226 -4.17 -15.04 2.59
CA LEU A 226 -3.60 -16.35 2.34
C LEU A 226 -3.64 -17.19 3.61
N GLY A 227 -3.20 -16.61 4.73
CA GLY A 227 -3.26 -17.32 5.99
C GLY A 227 -4.65 -17.81 6.34
N VAL A 228 -5.68 -17.06 5.92
CA VAL A 228 -7.04 -17.53 6.10
C VAL A 228 -7.31 -18.72 5.19
N CYS A 229 -7.00 -18.57 3.90
CA CYS A 229 -7.27 -19.64 2.93
C CYS A 229 -6.60 -20.93 3.35
N LEU A 230 -5.31 -20.86 3.67
CA LEU A 230 -4.59 -22.00 4.24
C LEU A 230 -5.41 -22.66 5.33
N PHE A 231 -5.77 -21.88 6.35
CA PHE A 231 -6.57 -22.42 7.45
C PHE A 231 -7.86 -23.01 6.92
N GLU A 232 -8.55 -22.29 6.03
CA GLU A 232 -9.79 -22.79 5.47
C GLU A 232 -9.59 -24.07 4.69
N PHE A 233 -8.42 -24.24 4.06
CA PHE A 233 -8.18 -25.48 3.34
C PHE A 233 -7.98 -26.64 4.31
N LEU A 234 -7.46 -26.37 5.50
CA LEU A 234 -7.07 -27.45 6.41
C LEU A 234 -8.22 -27.88 7.33
N THR A 235 -9.03 -26.92 7.79
CA THR A 235 -10.12 -27.21 8.71
C THR A 235 -11.47 -27.35 8.01
N GLY A 236 -11.76 -26.47 7.05
CA GLY A 236 -13.05 -26.50 6.36
C GLY A 236 -13.79 -25.19 6.43
N ILE A 237 -13.89 -24.62 7.64
CA ILE A 237 -14.51 -23.32 7.84
C ILE A 237 -13.41 -22.31 8.12
N PRO A 238 -13.57 -21.05 7.70
CA PRO A 238 -12.53 -20.04 7.99
C PRO A 238 -12.41 -19.79 9.48
N PRO A 239 -11.25 -19.31 9.94
CA PRO A 239 -11.03 -19.20 11.39
C PRO A 239 -11.92 -18.13 12.04
N PHE A 240 -11.99 -16.96 11.42
CA PHE A 240 -12.73 -15.84 12.00
C PHE A 240 -14.19 -15.81 11.56
N ASN A 241 -14.67 -16.89 10.94
CA ASN A 241 -16.06 -16.96 10.52
C ASN A 241 -16.97 -17.10 11.73
N ASP A 242 -17.99 -16.25 11.80
CA ASP A 242 -18.98 -16.35 12.87
C ASP A 242 -20.30 -15.79 12.35
N GLU A 243 -21.26 -15.65 13.27
CA GLU A 243 -22.66 -15.36 12.93
C GLU A 243 -22.80 -14.02 12.20
N THR A 244 -22.73 -12.93 12.95
CA THR A 244 -22.89 -11.62 12.34
C THR A 244 -21.54 -11.01 11.98
N PRO A 245 -21.49 -10.17 10.94
CA PRO A 245 -20.19 -9.59 10.52
C PRO A 245 -19.50 -8.78 11.61
N GLN A 246 -20.24 -8.17 12.53
CA GLN A 246 -19.59 -7.49 13.65
C GLN A 246 -18.81 -8.47 14.50
N GLN A 247 -19.39 -9.66 14.75
CA GLN A 247 -18.67 -10.68 15.49
C GLN A 247 -17.42 -11.12 14.74
N VAL A 248 -17.50 -11.21 13.41
CA VAL A 248 -16.32 -11.55 12.61
C VAL A 248 -15.24 -10.49 12.78
N PHE A 249 -15.62 -9.21 12.68
CA PHE A 249 -14.67 -8.13 12.89
C PHE A 249 -14.01 -8.23 14.26
N GLN A 250 -14.78 -8.56 15.29
CA GLN A 250 -14.20 -8.77 16.61
C GLN A 250 -13.19 -9.90 16.59
N ASN A 251 -13.54 -11.04 15.97
CA ASN A 251 -12.64 -12.18 15.93
C ASN A 251 -11.35 -11.84 15.19
N ILE A 252 -11.42 -10.96 14.20
CA ILE A 252 -10.21 -10.58 13.47
C ILE A 252 -9.35 -9.65 14.31
N LEU A 253 -9.94 -8.57 14.83
CA LEU A 253 -9.15 -7.62 15.62
C LEU A 253 -8.61 -8.25 16.89
N LYS A 254 -9.27 -9.28 17.40
CA LYS A 254 -8.78 -10.01 18.57
C LYS A 254 -7.93 -11.22 18.19
N ARG A 255 -7.92 -11.61 16.91
CA ARG A 255 -7.14 -12.74 16.41
C ARG A 255 -7.47 -14.03 17.16
N ASP A 256 -8.77 -14.28 17.33
CA ASP A 256 -9.24 -15.50 18.00
C ASP A 256 -9.30 -16.61 16.96
N ILE A 257 -8.22 -17.39 16.86
CA ILE A 257 -8.12 -18.46 15.87
C ILE A 257 -8.59 -19.74 16.53
N PRO A 258 -9.71 -20.31 16.10
CA PRO A 258 -10.25 -21.53 16.73
C PRO A 258 -9.48 -22.80 16.34
N TRP A 259 -8.32 -22.97 16.96
CA TRP A 259 -7.47 -24.12 16.67
C TRP A 259 -8.24 -25.41 16.93
N PRO A 260 -8.25 -26.37 15.99
CA PRO A 260 -8.90 -27.65 16.27
C PRO A 260 -8.11 -28.45 17.28
N GLU A 261 -8.83 -29.24 18.08
CA GLU A 261 -8.28 -30.00 19.18
C GLU A 261 -8.44 -31.50 18.90
N GLY A 262 -7.95 -32.31 19.84
CA GLY A 262 -8.15 -33.74 19.75
C GLY A 262 -7.39 -34.36 18.59
N GLU A 263 -8.07 -35.24 17.86
CA GLU A 263 -7.45 -35.96 16.76
C GLU A 263 -7.45 -35.16 15.46
N GLU A 264 -8.33 -34.16 15.34
CA GLU A 264 -8.34 -33.27 14.19
C GLU A 264 -7.34 -32.12 14.33
N LYS A 265 -6.31 -32.30 15.14
CA LYS A 265 -5.35 -31.24 15.44
C LYS A 265 -4.49 -30.92 14.22
N LEU A 266 -4.15 -29.65 14.06
CA LEU A 266 -3.23 -29.24 13.01
C LEU A 266 -1.79 -29.55 13.41
N SER A 267 -0.98 -29.85 12.41
CA SER A 267 0.43 -30.12 12.66
C SER A 267 1.15 -28.85 13.11
N ASP A 268 2.33 -29.03 13.70
CA ASP A 268 3.06 -27.89 14.24
C ASP A 268 3.51 -26.95 13.13
N ASN A 269 3.89 -27.50 11.97
CA ASN A 269 4.30 -26.66 10.85
C ASN A 269 3.11 -25.92 10.24
N ALA A 270 1.96 -26.58 10.14
CA ALA A 270 0.76 -25.91 9.66
C ALA A 270 0.33 -24.80 10.62
N GLN A 271 0.30 -25.10 11.91
CA GLN A 271 -0.03 -24.08 12.90
C GLN A 271 0.95 -22.92 12.84
N SER A 272 2.23 -23.22 12.59
CA SER A 272 3.23 -22.16 12.48
C SER A 272 2.98 -21.29 11.25
N ALA A 273 2.64 -21.91 10.12
CA ALA A 273 2.37 -21.14 8.91
C ALA A 273 1.13 -20.26 9.08
N VAL A 274 0.07 -20.82 9.66
CA VAL A 274 -1.15 -20.03 9.89
C VAL A 274 -0.90 -18.92 10.91
N GLU A 275 0.02 -19.15 11.85
CA GLU A 275 0.34 -18.11 12.82
C GLU A 275 1.14 -16.98 12.20
N ILE A 276 2.19 -17.31 11.44
CA ILE A 276 3.04 -16.27 10.87
C ILE A 276 2.33 -15.53 9.74
N LEU A 277 1.39 -16.20 9.05
CA LEU A 277 0.61 -15.50 8.05
C LEU A 277 -0.47 -14.62 8.68
N LEU A 278 -1.04 -15.06 9.80
CA LEU A 278 -2.06 -14.27 10.49
C LEU A 278 -1.49 -13.58 11.72
N THR A 279 -0.52 -12.69 11.53
CA THR A 279 -0.04 -11.83 12.59
C THR A 279 -0.68 -10.46 12.47
N ILE A 280 -1.06 -9.88 13.61
CA ILE A 280 -1.70 -8.56 13.60
C ILE A 280 -0.73 -7.51 13.08
N ASP A 281 0.55 -7.65 13.39
CA ASP A 281 1.54 -6.64 13.04
C ASP A 281 1.80 -6.67 11.54
N ASP A 282 1.61 -5.52 10.89
CA ASP A 282 1.82 -5.45 9.45
CA ASP A 282 1.81 -5.42 9.44
C ASP A 282 3.26 -5.76 9.08
N THR A 283 4.21 -5.20 9.81
CA THR A 283 5.63 -5.34 9.49
C THR A 283 6.26 -6.62 10.02
N LYS A 284 5.54 -7.39 10.84
CA LYS A 284 6.06 -8.66 11.36
C LYS A 284 5.42 -9.87 10.69
N ARG A 285 4.61 -9.65 9.66
CA ARG A 285 3.86 -10.73 9.03
C ARG A 285 4.74 -11.48 8.03
N ALA A 286 4.23 -12.59 7.53
CA ALA A 286 4.97 -13.43 6.60
C ALA A 286 4.87 -12.88 5.18
N GLY A 287 5.86 -13.25 4.37
CA GLY A 287 5.88 -12.90 2.96
C GLY A 287 6.28 -14.08 2.11
N MET A 288 6.65 -13.83 0.86
CA MET A 288 7.10 -14.92 0.00
C MET A 288 8.37 -15.57 0.54
N LYS A 289 9.31 -14.74 1.00
CA LYS A 289 10.57 -15.27 1.53
C LYS A 289 10.34 -16.09 2.77
N GLU A 290 9.37 -15.69 3.60
CA GLU A 290 9.09 -16.43 4.84
C GLU A 290 8.56 -17.82 4.53
N LEU A 291 7.60 -17.93 3.60
CA LEU A 291 7.07 -19.23 3.24
C LEU A 291 8.12 -20.08 2.53
N LYS A 292 8.96 -19.47 1.70
CA LYS A 292 10.00 -20.22 1.01
C LYS A 292 10.87 -20.99 2.00
N ARG A 293 11.31 -20.32 3.07
CA ARG A 293 12.17 -20.91 4.09
C ARG A 293 11.38 -21.54 5.25
N HIS A 294 10.07 -21.82 5.04
CA HIS A 294 9.28 -22.34 6.16
C HIS A 294 9.29 -23.88 6.13
N PRO A 295 9.28 -24.51 7.30
CA PRO A 295 9.31 -25.99 7.32
C PRO A 295 8.11 -26.65 6.67
N LEU A 296 6.96 -25.96 6.58
CA LEU A 296 5.80 -26.57 5.94
C LEU A 296 5.98 -26.62 4.42
N PHE A 297 6.80 -25.74 3.86
CA PHE A 297 7.02 -25.67 2.42
C PHE A 297 8.41 -26.19 2.02
N SER A 298 9.04 -26.98 2.88
CA SER A 298 10.37 -27.51 2.58
CA SER A 298 10.37 -27.51 2.58
C SER A 298 10.34 -28.60 1.51
N ASP A 299 9.17 -29.13 1.18
CA ASP A 299 9.03 -30.13 0.13
C ASP A 299 8.58 -29.52 -1.19
N VAL A 300 8.61 -28.20 -1.31
CA VAL A 300 8.11 -27.48 -2.48
C VAL A 300 9.29 -27.15 -3.38
N ASP A 301 9.22 -27.60 -4.62
CA ASP A 301 10.19 -27.20 -5.65
C ASP A 301 9.64 -25.93 -6.29
N TRP A 302 10.09 -24.78 -5.78
CA TRP A 302 9.49 -23.51 -6.18
C TRP A 302 9.80 -23.16 -7.64
N GLU A 303 11.03 -23.42 -8.08
CA GLU A 303 11.46 -23.00 -9.41
C GLU A 303 10.73 -23.73 -10.53
N ASN A 304 9.96 -24.77 -10.22
CA ASN A 304 9.29 -25.58 -11.23
C ASN A 304 7.97 -26.10 -10.67
N LEU A 305 7.12 -25.20 -10.21
CA LEU A 305 5.89 -25.61 -9.54
C LEU A 305 4.75 -25.92 -10.50
N GLN A 306 4.70 -25.26 -11.66
CA GLN A 306 3.57 -25.50 -12.56
C GLN A 306 3.62 -26.86 -13.25
N HIS A 307 4.55 -27.75 -12.88
CA HIS A 307 4.60 -29.09 -13.44
C HIS A 307 4.44 -30.18 -12.40
N GLN A 308 4.17 -29.83 -11.15
CA GLN A 308 3.83 -30.84 -10.16
C GLN A 308 2.46 -31.42 -10.45
N THR A 309 2.24 -32.64 -9.98
CA THR A 309 0.95 -33.31 -10.15
C THR A 309 -0.01 -32.89 -9.04
N MET A 310 -1.27 -32.61 -9.44
CA MET A 310 -2.24 -32.07 -8.50
C MET A 310 -3.22 -33.15 -8.07
N PRO A 311 -3.67 -33.11 -6.81
CA PRO A 311 -4.53 -34.19 -6.29
C PRO A 311 -5.90 -34.26 -6.94
N PHE A 312 -6.35 -33.23 -7.64
CA PHE A 312 -7.65 -33.24 -8.30
C PHE A 312 -7.51 -32.70 -9.71
N ILE A 313 -8.10 -33.39 -10.68
CA ILE A 313 -8.02 -32.99 -12.08
C ILE A 313 -9.44 -32.93 -12.66
N PRO A 314 -9.82 -31.84 -13.31
CA PRO A 314 -11.21 -31.72 -13.77
C PRO A 314 -11.44 -32.41 -15.10
N GLN A 315 -12.59 -33.07 -15.20
CA GLN A 315 -13.01 -33.75 -16.43
C GLN A 315 -14.53 -33.87 -16.43
N PRO A 316 -15.17 -33.66 -17.59
CA PRO A 316 -14.60 -33.36 -18.91
C PRO A 316 -14.02 -31.95 -19.04
N PRO B 33 -17.41 30.77 1.97
CA PRO B 33 -17.78 29.83 0.91
C PRO B 33 -17.99 30.53 -0.43
N SER B 34 -17.62 31.80 -0.52
CA SER B 34 -17.72 32.60 -1.73
C SER B 34 -16.32 32.90 -2.23
N ILE B 35 -15.97 32.36 -3.40
CA ILE B 35 -14.62 32.56 -3.95
C ILE B 35 -14.36 34.04 -4.23
N GLU B 36 -15.39 34.77 -4.64
CA GLU B 36 -15.22 36.19 -4.93
C GLU B 36 -14.83 36.97 -3.67
N GLU B 37 -15.22 36.47 -2.49
CA GLU B 37 -14.92 37.15 -1.24
C GLU B 37 -13.52 36.80 -0.75
N PHE B 38 -12.61 36.54 -1.68
CA PHE B 38 -11.21 36.24 -1.36
C PHE B 38 -10.32 37.21 -2.11
N SER B 39 -9.89 38.27 -1.43
CA SER B 39 -9.02 39.27 -2.03
C SER B 39 -7.64 38.69 -2.30
N ILE B 40 -7.15 38.86 -3.52
CA ILE B 40 -5.83 38.37 -3.90
C ILE B 40 -4.78 39.33 -3.37
N VAL B 41 -3.81 38.80 -2.63
CA VAL B 41 -2.74 39.61 -2.07
C VAL B 41 -1.48 39.43 -2.90
N LYS B 42 -0.81 38.29 -2.73
CA LYS B 42 0.46 38.01 -3.40
C LYS B 42 0.47 36.56 -3.88
N PRO B 43 1.04 36.29 -5.05
CA PRO B 43 1.17 34.90 -5.50
C PRO B 43 2.21 34.15 -4.69
N ILE B 44 1.78 33.15 -3.92
CA ILE B 44 2.70 32.37 -3.11
C ILE B 44 3.71 31.65 -3.99
N SER B 45 3.22 30.80 -4.90
CA SER B 45 4.09 30.08 -5.81
C SER B 45 3.30 29.58 -7.01
N ARG B 46 2.86 30.49 -7.87
CA ARG B 46 2.13 30.13 -9.09
C ARG B 46 3.11 29.54 -10.09
N GLY B 47 3.15 28.21 -10.17
CA GLY B 47 4.05 27.53 -11.07
C GLY B 47 4.70 26.30 -10.47
N ALA B 48 5.08 25.35 -11.30
CA ALA B 48 4.89 25.46 -12.75
C ALA B 48 3.62 24.72 -13.18
N PHE B 49 3.05 23.95 -12.26
CA PHE B 49 1.85 23.15 -12.53
C PHE B 49 0.67 23.68 -11.72
N GLY B 50 0.70 23.53 -10.40
CA GLY B 50 -0.37 23.99 -9.54
C GLY B 50 -0.03 25.33 -8.91
N LYS B 51 -0.86 26.33 -9.18
CA LYS B 51 -0.63 27.67 -8.66
C LYS B 51 -1.17 27.79 -7.24
N VAL B 52 -0.44 28.53 -6.41
CA VAL B 52 -0.85 28.83 -5.04
C VAL B 52 -0.66 30.32 -4.81
N TYR B 53 -1.68 30.97 -4.26
CA TYR B 53 -1.63 32.40 -4.02
C TYR B 53 -2.21 32.72 -2.65
N LEU B 54 -1.93 33.93 -2.19
CA LEU B 54 -2.35 34.41 -0.88
C LEU B 54 -3.67 35.15 -1.00
N GLY B 55 -4.64 34.77 -0.17
CA GLY B 55 -5.95 35.39 -0.17
C GLY B 55 -6.30 35.95 1.20
N GLN B 56 -7.42 36.67 1.24
CA GLN B 56 -7.87 37.33 2.46
C GLN B 56 -9.39 37.42 2.45
N LYS B 57 -10.00 37.15 3.60
CA LYS B 57 -11.46 37.22 3.70
C LYS B 57 -11.89 38.14 4.84
N GLY B 58 -11.80 37.66 6.07
CA GLY B 58 -12.17 38.45 7.22
C GLY B 58 -11.02 38.73 8.17
N GLY B 59 -10.02 39.45 7.68
CA GLY B 59 -8.84 39.74 8.48
C GLY B 59 -7.82 38.62 8.43
N LYS B 60 -8.30 37.38 8.32
CA LYS B 60 -7.43 36.22 8.27
C LYS B 60 -6.93 35.99 6.86
N LEU B 61 -5.65 35.62 6.74
CA LEU B 61 -5.04 35.30 5.46
C LEU B 61 -5.14 33.81 5.20
N TYR B 62 -5.48 33.45 3.96
CA TYR B 62 -5.60 32.06 3.56
C TYR B 62 -4.64 31.78 2.42
N ALA B 63 -4.34 30.50 2.20
CA ALA B 63 -3.48 30.06 1.12
C ALA B 63 -4.32 29.21 0.17
N VAL B 64 -4.54 29.69 -1.04
CA VAL B 64 -5.44 29.05 -2.00
C VAL B 64 -4.60 28.36 -3.07
N LYS B 65 -4.89 27.08 -3.31
CA LYS B 65 -4.26 26.31 -4.37
C LYS B 65 -5.28 26.07 -5.46
N VAL B 66 -4.98 26.57 -6.66
CA VAL B 66 -5.87 26.40 -7.81
C VAL B 66 -5.45 25.14 -8.56
N VAL B 67 -6.39 24.21 -8.73
CA VAL B 67 -6.17 23.01 -9.52
C VAL B 67 -7.13 23.02 -10.69
N LYS B 68 -6.71 22.43 -11.80
CA LYS B 68 -7.55 22.36 -12.99
C LYS B 68 -8.60 21.27 -12.84
N LYS B 69 -9.86 21.60 -13.12
CA LYS B 69 -10.89 20.59 -13.15
C LYS B 69 -10.61 19.52 -14.21
N ALA B 70 -9.92 19.90 -15.28
CA ALA B 70 -9.45 18.92 -16.25
C ALA B 70 -8.36 18.03 -15.66
N ASP B 71 -7.67 18.49 -14.61
CA ASP B 71 -6.73 17.64 -13.88
C ASP B 71 -7.40 16.85 -12.77
N MET B 72 -8.55 17.30 -12.29
CA MET B 72 -9.34 16.49 -11.36
C MET B 72 -10.08 15.38 -12.08
N ILE B 73 -10.66 15.68 -13.25
CA ILE B 73 -11.36 14.67 -14.04
C ILE B 73 -10.43 13.56 -14.46
N ASN B 74 -9.15 13.88 -14.69
CA ASN B 74 -8.16 12.85 -15.00
C ASN B 74 -7.76 12.09 -13.74
N LYS B 75 -7.70 12.77 -12.60
CA LYS B 75 -7.34 12.13 -11.33
C LYS B 75 -8.54 11.42 -10.72
N ALA B 89 -13.78 16.22 4.82
CA ALA B 89 -12.40 15.79 4.78
C ALA B 89 -11.53 16.64 5.69
N LEU B 90 -12.13 17.66 6.30
CA LEU B 90 -11.40 18.59 7.16
C LEU B 90 -11.38 18.03 8.59
N SER B 91 -10.19 17.65 9.03
CA SER B 91 -9.96 17.15 10.39
C SER B 91 -9.00 18.08 11.11
N LYS B 92 -8.63 17.72 12.34
CA LYS B 92 -7.82 18.56 13.21
C LYS B 92 -6.58 17.79 13.66
N SER B 93 -5.40 18.30 13.31
CA SER B 93 -4.12 17.75 13.75
C SER B 93 -3.11 18.88 13.79
N PRO B 94 -2.22 18.90 14.79
CA PRO B 94 -1.25 19.99 14.89
C PRO B 94 -0.17 19.98 13.83
N PHE B 95 -0.09 18.94 13.00
CA PHE B 95 1.02 18.80 12.06
C PHE B 95 0.54 18.60 10.63
N ILE B 96 -0.70 18.99 10.32
CA ILE B 96 -1.26 18.88 8.98
C ILE B 96 -1.87 20.22 8.62
N VAL B 97 -1.53 20.75 7.44
CA VAL B 97 -2.12 21.99 6.96
C VAL B 97 -3.62 21.79 6.80
N HIS B 98 -4.40 22.64 7.44
CA HIS B 98 -5.84 22.48 7.48
C HIS B 98 -6.48 23.04 6.22
N LEU B 99 -7.46 22.31 5.68
CA LEU B 99 -8.20 22.69 4.48
C LEU B 99 -9.61 23.08 4.90
N TYR B 100 -9.96 24.36 4.75
CA TYR B 100 -11.29 24.82 5.13
C TYR B 100 -12.33 24.46 4.06
N TYR B 101 -12.06 24.80 2.80
CA TYR B 101 -13.06 24.70 1.75
C TYR B 101 -12.48 24.02 0.52
N SER B 102 -13.31 23.22 -0.14
CA SER B 102 -12.98 22.65 -1.46
C SER B 102 -13.82 23.34 -2.52
N LEU B 103 -13.65 24.66 -2.65
CA LEU B 103 -14.48 25.46 -3.53
C LEU B 103 -14.33 25.01 -4.99
N GLN B 104 -15.31 25.38 -5.81
CA GLN B 104 -15.34 24.98 -7.20
C GLN B 104 -15.72 26.18 -8.07
N SER B 105 -15.10 26.26 -9.24
CA SER B 105 -15.43 27.24 -10.27
C SER B 105 -15.85 26.51 -11.54
N ALA B 106 -15.96 27.25 -12.64
CA ALA B 106 -16.27 26.62 -13.92
C ALA B 106 -15.09 25.82 -14.44
N ASN B 107 -13.87 26.32 -14.21
CA ASN B 107 -12.66 25.69 -14.70
C ASN B 107 -11.75 25.15 -13.60
N ASN B 108 -11.82 25.70 -12.40
CA ASN B 108 -10.78 25.48 -11.40
C ASN B 108 -11.39 25.08 -10.06
N VAL B 109 -10.82 24.04 -9.46
CA VAL B 109 -11.11 23.68 -8.07
C VAL B 109 -10.17 24.48 -7.17
N TYR B 110 -10.72 25.23 -6.24
CA TYR B 110 -9.96 26.04 -5.32
C TYR B 110 -9.84 25.33 -3.98
N LEU B 111 -8.63 25.20 -3.47
CA LEU B 111 -8.37 24.58 -2.17
C LEU B 111 -7.91 25.66 -1.21
N VAL B 112 -8.80 26.05 -0.30
CA VAL B 112 -8.53 27.13 0.64
C VAL B 112 -7.99 26.54 1.93
N MET B 113 -6.75 26.86 2.26
CA MET B 113 -6.07 26.34 3.43
C MET B 113 -5.59 27.49 4.30
N GLU B 114 -4.99 27.14 5.44
CA GLU B 114 -4.37 28.12 6.29
C GLU B 114 -3.08 28.64 5.64
N TYR B 115 -2.60 29.76 6.15
CA TYR B 115 -1.39 30.40 5.65
C TYR B 115 -0.31 30.25 6.71
N LEU B 116 0.74 29.51 6.39
CA LEU B 116 1.89 29.32 7.27
C LEU B 116 3.02 30.19 6.70
N ILE B 117 3.23 31.36 7.32
CA ILE B 117 4.16 32.34 6.78
C ILE B 117 5.62 31.94 6.96
N GLY B 118 5.91 30.80 7.59
CA GLY B 118 7.30 30.38 7.76
C GLY B 118 7.95 29.76 6.53
N GLY B 119 7.15 29.37 5.54
CA GLY B 119 7.69 28.76 4.36
C GLY B 119 8.03 27.30 4.56
N ASP B 120 8.68 26.73 3.56
CA ASP B 120 9.04 25.33 3.59
C ASP B 120 10.34 25.12 4.37
N VAL B 121 10.52 23.89 4.86
CA VAL B 121 11.73 23.53 5.57
C VAL B 121 12.91 23.37 4.61
N LYS B 122 12.65 23.24 3.31
CA LYS B 122 13.73 23.26 2.32
C LYS B 122 14.46 24.59 2.35
N SER B 123 13.71 25.69 2.23
CA SER B 123 14.33 27.02 2.22
C SER B 123 15.04 27.31 3.53
N LEU B 124 14.43 26.97 4.66
CA LEU B 124 15.08 27.16 5.94
C LEU B 124 16.34 26.33 6.04
N LEU B 125 16.32 25.12 5.47
CA LEU B 125 17.50 24.27 5.48
C LEU B 125 18.61 24.86 4.63
N HIS B 126 18.27 25.52 3.52
CA HIS B 126 19.29 26.20 2.73
C HIS B 126 19.80 27.44 3.44
N ILE B 127 18.96 28.10 4.25
CA ILE B 127 19.39 29.28 4.98
C ILE B 127 20.28 28.89 6.16
N TYR B 128 19.89 27.85 6.89
CA TYR B 128 20.70 27.34 7.99
C TYR B 128 21.94 26.58 7.51
N GLY B 129 22.01 26.22 6.23
CA GLY B 129 23.05 25.33 5.76
C GLY B 129 22.78 23.89 6.16
N TYR B 130 22.69 23.65 7.47
CA TYR B 130 22.22 22.37 7.98
C TYR B 130 21.64 22.62 9.37
N PHE B 131 20.98 21.59 9.89
N PHE B 131 20.99 21.58 9.90
CA PHE B 131 20.40 21.64 11.22
CA PHE B 131 20.37 21.65 11.22
C PHE B 131 21.27 20.86 12.21
C PHE B 131 21.20 20.84 12.21
N ASP B 132 21.28 21.33 13.45
CA ASP B 132 21.92 20.57 14.51
C ASP B 132 20.99 19.46 14.96
N GLU B 133 21.55 18.50 15.70
CA GLU B 133 20.84 17.24 15.95
C GLU B 133 19.53 17.48 16.71
N GLU B 134 19.52 18.43 17.65
CA GLU B 134 18.32 18.68 18.43
C GLU B 134 17.19 19.22 17.55
N MET B 135 17.49 20.25 16.75
CA MET B 135 16.50 20.80 15.83
C MET B 135 16.00 19.74 14.85
N ALA B 136 16.91 18.90 14.36
CA ALA B 136 16.53 17.84 13.43
C ALA B 136 15.61 16.83 14.11
N VAL B 137 15.85 16.54 15.39
CA VAL B 137 15.01 15.57 16.10
C VAL B 137 13.64 16.16 16.40
N LYS B 138 13.58 17.45 16.71
CA LYS B 138 12.28 18.10 16.88
C LYS B 138 11.47 18.05 15.59
N TYR B 139 12.08 18.51 14.49
CA TYR B 139 11.39 18.53 13.20
C TYR B 139 10.95 17.13 12.78
N ILE B 140 11.90 16.19 12.78
CA ILE B 140 11.59 14.82 12.37
C ILE B 140 10.55 14.20 13.28
N SER B 141 10.50 14.61 14.54
CA SER B 141 9.47 14.11 15.45
C SER B 141 8.10 14.60 15.02
N GLU B 142 7.97 15.92 14.75
CA GLU B 142 6.69 16.45 14.29
C GLU B 142 6.25 15.76 13.00
N VAL B 143 7.16 15.65 12.04
CA VAL B 143 6.83 15.01 10.77
C VAL B 143 6.44 13.56 10.99
N ALA B 144 7.09 12.89 11.94
CA ALA B 144 6.75 11.50 12.23
C ALA B 144 5.33 11.39 12.77
N LEU B 145 4.94 12.32 13.65
CA LEU B 145 3.57 12.30 14.16
C LEU B 145 2.56 12.56 13.05
N ALA B 146 2.89 13.47 12.13
CA ALA B 146 2.00 13.73 11.00
C ALA B 146 1.84 12.48 10.13
N LEU B 147 2.96 11.83 9.80
CA LEU B 147 2.91 10.61 9.01
C LEU B 147 2.10 9.53 9.70
N ASP B 148 2.28 9.37 11.02
CA ASP B 148 1.48 8.40 11.77
C ASP B 148 0.01 8.76 11.72
N TYR B 149 -0.32 10.05 11.70
CA TYR B 149 -1.72 10.46 11.63
C TYR B 149 -2.34 10.11 10.28
N LEU B 150 -1.68 10.50 9.19
CA LEU B 150 -2.16 10.14 7.85
C LEU B 150 -2.29 8.63 7.71
N HIS B 151 -1.27 7.89 8.14
CA HIS B 151 -1.33 6.43 8.07
C HIS B 151 -2.50 5.89 8.86
N ARG B 152 -2.82 6.51 10.01
CA ARG B 152 -3.97 6.07 10.77
C ARG B 152 -5.28 6.36 10.04
N HIS B 153 -5.31 7.39 9.20
CA HIS B 153 -6.48 7.66 8.39
C HIS B 153 -6.42 7.02 7.01
N GLY B 154 -5.50 6.07 6.80
CA GLY B 154 -5.44 5.35 5.55
C GLY B 154 -4.81 6.09 4.38
N ILE B 155 -3.85 6.97 4.66
CA ILE B 155 -3.20 7.78 3.63
C ILE B 155 -1.72 7.43 3.60
N ILE B 156 -1.20 7.18 2.40
CA ILE B 156 0.24 7.10 2.16
C ILE B 156 0.64 8.40 1.50
N HIS B 157 1.45 9.20 2.20
CA HIS B 157 1.79 10.54 1.71
C HIS B 157 2.48 10.46 0.35
N ARG B 158 3.44 9.55 0.21
CA ARG B 158 4.08 9.21 -1.06
C ARG B 158 4.88 10.35 -1.67
N ASP B 159 4.99 11.49 -0.98
CA ASP B 159 5.70 12.64 -1.53
C ASP B 159 6.38 13.43 -0.42
N LEU B 160 6.89 12.73 0.60
CA LEU B 160 7.51 13.40 1.74
C LEU B 160 8.90 13.90 1.35
N LYS B 161 9.10 15.20 1.50
CA LYS B 161 10.38 15.85 1.24
C LYS B 161 10.34 17.25 1.84
N PRO B 162 11.50 17.83 2.15
CA PRO B 162 11.53 19.15 2.81
C PRO B 162 10.74 20.22 2.07
N ASP B 163 10.51 20.03 0.77
CA ASP B 163 9.71 20.98 0.00
C ASP B 163 8.25 20.99 0.43
N ASN B 164 7.76 19.91 1.04
CA ASN B 164 6.36 19.79 1.42
C ASN B 164 6.12 19.95 2.91
N MET B 165 7.15 20.17 3.71
CA MET B 165 6.99 20.47 5.12
C MET B 165 6.92 21.98 5.30
N LEU B 166 5.83 22.47 5.88
CA LEU B 166 5.67 23.90 6.11
C LEU B 166 5.91 24.24 7.57
N ILE B 167 6.13 25.52 7.83
CA ILE B 167 6.52 26.01 9.15
C ILE B 167 5.50 27.03 9.61
N SER B 168 4.81 26.73 10.70
CA SER B 168 3.83 27.65 11.27
C SER B 168 4.55 28.78 12.02
N ASN B 169 3.77 29.82 12.36
CA ASN B 169 4.31 30.98 13.05
C ASN B 169 4.80 30.64 14.45
N GLU B 170 4.32 29.55 15.05
CA GLU B 170 4.83 29.09 16.34
C GLU B 170 6.08 28.24 16.20
N GLY B 171 6.57 28.03 14.97
CA GLY B 171 7.77 27.24 14.74
C GLY B 171 7.53 25.76 14.49
N HIS B 172 6.28 25.31 14.52
CA HIS B 172 5.97 23.91 14.32
C HIS B 172 5.87 23.59 12.82
N ILE B 173 5.86 22.29 12.50
CA ILE B 173 5.90 21.82 11.13
C ILE B 173 4.58 21.15 10.79
N LYS B 174 4.04 21.48 9.62
CA LYS B 174 2.78 20.95 9.14
C LYS B 174 2.99 20.35 7.76
N LEU B 175 2.61 19.09 7.59
CA LEU B 175 2.72 18.44 6.29
C LEU B 175 1.59 18.91 5.37
N THR B 176 1.82 18.76 4.07
CA THR B 176 0.83 19.05 3.05
C THR B 176 1.14 18.18 1.84
N ASP B 177 0.40 18.41 0.75
CA ASP B 177 0.64 17.76 -0.54
C ASP B 177 0.39 16.24 -0.45
N PHE B 178 -0.89 15.91 -0.30
CA PHE B 178 -1.27 14.50 -0.32
C PHE B 178 -2.69 14.31 -0.84
N GLY B 179 -3.52 15.35 -0.78
CA GLY B 179 -4.81 15.31 -1.44
C GLY B 179 -4.69 15.85 -2.85
N LEU B 180 -3.46 15.81 -3.38
CA LEU B 180 -3.12 16.43 -4.65
C LEU B 180 -2.28 15.48 -5.51
N GLY B 202 12.24 12.67 -11.85
CA GLY B 202 12.51 12.68 -10.42
C GLY B 202 12.21 14.01 -9.74
N THR B 203 13.04 14.41 -8.78
CA THR B 203 14.23 13.65 -8.38
C THR B 203 13.89 12.45 -7.51
N PRO B 204 14.60 11.33 -7.71
CA PRO B 204 14.39 10.15 -6.85
C PRO B 204 14.67 10.49 -5.39
N ASP B 205 15.95 10.45 -5.01
CA ASP B 205 16.41 10.92 -3.70
C ASP B 205 15.59 10.35 -2.55
N TYR B 206 14.31 10.72 -2.47
CA TYR B 206 13.44 10.33 -1.38
C TYR B 206 12.66 9.05 -1.67
N LEU B 207 12.73 8.53 -2.89
CA LEU B 207 11.99 7.33 -3.23
C LEU B 207 12.65 6.10 -2.63
N ALA B 208 11.84 5.21 -2.08
CA ALA B 208 12.33 3.96 -1.52
C ALA B 208 12.67 2.99 -2.65
N PRO B 209 13.53 2.00 -2.37
CA PRO B 209 13.83 0.99 -3.39
C PRO B 209 12.59 0.31 -3.96
N GLU B 210 11.68 -0.10 -3.08
CA GLU B 210 10.41 -0.68 -3.50
C GLU B 210 9.69 0.17 -4.54
N LEU B 211 9.85 1.50 -4.47
CA LEU B 211 9.21 2.38 -5.43
C LEU B 211 9.94 2.38 -6.76
N LEU B 212 11.28 2.41 -6.74
CA LEU B 212 12.05 2.38 -7.98
C LEU B 212 11.83 1.06 -8.73
N LEU B 213 11.78 -0.06 -8.02
CA LEU B 213 11.63 -1.37 -8.63
C LEU B 213 10.24 -1.59 -9.21
N GLY B 214 9.27 -0.72 -8.93
CA GLY B 214 7.91 -0.94 -9.35
C GLY B 214 7.14 -1.96 -8.53
N ARG B 215 7.76 -2.52 -7.48
CA ARG B 215 7.07 -3.48 -6.64
CA ARG B 215 7.08 -3.48 -6.64
C ARG B 215 5.89 -2.84 -5.92
N ALA B 216 4.96 -3.69 -5.50
CA ALA B 216 3.85 -3.21 -4.71
C ALA B 216 4.37 -2.77 -3.35
N HIS B 217 3.90 -1.61 -2.89
CA HIS B 217 4.46 -0.96 -1.72
C HIS B 217 3.38 -0.66 -0.70
N GLY B 218 3.82 -0.41 0.53
CA GLY B 218 2.93 -0.02 1.60
C GLY B 218 3.26 1.38 2.11
N PRO B 219 2.81 1.69 3.33
CA PRO B 219 3.15 3.01 3.90
C PRO B 219 4.60 3.14 4.32
N ALA B 220 5.36 2.04 4.35
CA ALA B 220 6.76 2.10 4.74
C ALA B 220 7.57 3.05 3.87
N VAL B 221 7.11 3.32 2.66
CA VAL B 221 7.82 4.26 1.80
C VAL B 221 7.90 5.64 2.45
N ASP B 222 6.81 6.05 3.13
CA ASP B 222 6.81 7.34 3.82
C ASP B 222 7.87 7.40 4.90
N TRP B 223 8.26 6.25 5.45
CA TRP B 223 9.33 6.25 6.44
C TRP B 223 10.69 6.33 5.77
N TRP B 224 10.85 5.68 4.61
CA TRP B 224 12.12 5.79 3.89
C TRP B 224 12.46 7.24 3.62
N ALA B 225 11.50 7.98 3.03
CA ALA B 225 11.70 9.42 2.83
C ALA B 225 12.14 10.10 4.10
N LEU B 226 11.52 9.74 5.23
CA LEU B 226 11.91 10.32 6.51
C LEU B 226 13.40 10.10 6.76
N GLY B 227 13.86 8.86 6.61
CA GLY B 227 15.27 8.57 6.79
C GLY B 227 16.16 9.41 5.89
N VAL B 228 15.68 9.75 4.70
CA VAL B 228 16.41 10.70 3.86
C VAL B 228 16.43 12.06 4.52
N CYS B 229 15.23 12.60 4.81
CA CYS B 229 15.10 13.95 5.35
C CYS B 229 15.99 14.16 6.57
N LEU B 230 15.86 13.27 7.56
CA LEU B 230 16.71 13.32 8.75
C LEU B 230 18.17 13.48 8.36
N PHE B 231 18.69 12.55 7.54
CA PHE B 231 20.08 12.65 7.10
C PHE B 231 20.33 14.00 6.44
N GLU B 232 19.43 14.40 5.54
CA GLU B 232 19.56 15.71 4.91
C GLU B 232 19.56 16.82 5.96
N PHE B 233 18.65 16.73 6.93
CA PHE B 233 18.63 17.71 8.00
C PHE B 233 19.96 17.80 8.71
N LEU B 234 20.61 16.65 8.93
CA LEU B 234 21.89 16.62 9.62
C LEU B 234 23.06 17.00 8.72
N THR B 235 22.86 17.02 7.41
CA THR B 235 23.99 17.23 6.50
C THR B 235 23.78 18.37 5.53
N GLY B 236 22.58 18.53 4.98
CA GLY B 236 22.28 19.54 4.00
C GLY B 236 22.11 19.00 2.60
N ILE B 237 22.58 17.78 2.35
CA ILE B 237 22.47 17.15 1.04
C ILE B 237 21.92 15.74 1.24
N PRO B 238 20.93 15.31 0.45
CA PRO B 238 20.39 13.96 0.62
C PRO B 238 21.48 12.94 0.43
N PRO B 239 21.36 11.77 1.07
CA PRO B 239 22.47 10.80 1.06
C PRO B 239 22.73 10.17 -0.29
N PHE B 240 21.75 10.09 -1.18
CA PHE B 240 21.90 9.37 -2.44
C PHE B 240 22.12 10.31 -3.62
N ASN B 241 22.46 11.57 -3.37
CA ASN B 241 22.54 12.57 -4.42
C ASN B 241 23.80 12.38 -5.26
N ASP B 242 23.63 12.20 -6.56
CA ASP B 242 24.73 12.26 -7.52
C ASP B 242 24.36 13.19 -8.67
N GLU B 243 25.14 13.14 -9.75
CA GLU B 243 24.93 14.07 -10.87
C GLU B 243 23.81 13.60 -11.80
N THR B 244 23.72 12.32 -12.04
CA THR B 244 22.63 11.82 -12.88
C THR B 244 21.55 11.16 -12.03
N PRO B 245 20.30 11.20 -12.49
CA PRO B 245 19.25 10.43 -11.79
C PRO B 245 19.48 8.92 -11.87
N GLN B 246 20.25 8.44 -12.84
CA GLN B 246 20.62 7.03 -12.91
C GLN B 246 21.70 6.66 -11.91
N GLN B 247 22.29 7.63 -11.21
CA GLN B 247 23.23 7.38 -10.12
C GLN B 247 22.58 7.52 -8.75
N VAL B 248 21.66 8.48 -8.59
CA VAL B 248 20.76 8.45 -7.45
C VAL B 248 20.02 7.13 -7.43
N PHE B 249 19.44 6.75 -8.56
CA PHE B 249 19.14 5.35 -8.82
C PHE B 249 20.43 4.54 -8.71
N GLN B 250 20.35 3.39 -8.06
CA GLN B 250 21.49 2.53 -7.70
C GLN B 250 22.12 3.00 -6.39
N ASN B 251 22.35 4.31 -6.23
CA ASN B 251 22.70 4.80 -4.90
C ASN B 251 21.63 4.42 -3.88
N ILE B 252 20.37 4.46 -4.29
CA ILE B 252 19.28 4.05 -3.40
C ILE B 252 19.25 2.53 -3.24
N LEU B 253 19.39 1.79 -4.36
CA LEU B 253 19.27 0.34 -4.30
C LEU B 253 20.45 -0.32 -3.61
N LYS B 254 21.64 0.25 -3.72
CA LYS B 254 22.79 -0.26 -2.99
C LYS B 254 22.89 0.31 -1.58
N ARG B 255 22.06 1.31 -1.24
CA ARG B 255 22.08 1.97 0.05
C ARG B 255 23.50 2.44 0.39
N ASP B 256 24.00 3.33 -0.47
CA ASP B 256 25.34 3.89 -0.34
C ASP B 256 25.21 5.23 0.39
N ILE B 257 25.34 5.20 1.71
CA ILE B 257 25.15 6.37 2.54
C ILE B 257 26.52 6.96 2.88
N PRO B 258 26.89 8.13 2.31
CA PRO B 258 28.19 8.77 2.64
C PRO B 258 28.17 9.42 4.02
N TRP B 259 28.36 8.59 5.04
CA TRP B 259 28.42 9.09 6.40
C TRP B 259 29.55 10.11 6.53
N PRO B 260 29.29 11.31 7.05
CA PRO B 260 30.37 12.28 7.22
C PRO B 260 31.28 11.88 8.37
N GLU B 261 32.52 12.38 8.30
CA GLU B 261 33.54 12.04 9.26
C GLU B 261 34.24 13.30 9.75
N GLY B 262 35.04 13.14 10.80
CA GLY B 262 35.70 14.26 11.42
C GLY B 262 34.81 14.97 12.42
N GLU B 263 34.90 16.30 12.49
CA GLU B 263 34.00 17.06 13.35
C GLU B 263 32.58 17.05 12.82
N GLU B 264 32.39 16.76 11.53
CA GLU B 264 31.07 16.65 10.93
C GLU B 264 30.43 15.29 11.10
N LYS B 265 31.13 14.34 11.73
CA LYS B 265 30.62 12.99 11.90
C LYS B 265 29.35 13.00 12.74
N LEU B 266 28.40 12.13 12.37
CA LEU B 266 27.13 12.06 13.06
C LEU B 266 27.24 11.20 14.30
N SER B 267 26.53 11.60 15.36
CA SER B 267 26.50 10.81 16.59
C SER B 267 25.87 9.44 16.32
N ASP B 268 26.25 8.47 17.15
CA ASP B 268 25.80 7.10 16.92
C ASP B 268 24.30 6.97 17.02
N ASN B 269 23.65 7.83 17.82
CA ASN B 269 22.19 7.86 17.86
C ASN B 269 21.62 8.22 16.49
N ALA B 270 22.12 9.31 15.91
CA ALA B 270 21.64 9.77 14.62
C ALA B 270 21.84 8.69 13.55
N GLN B 271 23.07 8.16 13.45
CA GLN B 271 23.32 7.10 12.49
C GLN B 271 22.38 5.92 12.72
N SER B 272 22.09 5.60 13.99
CA SER B 272 21.17 4.52 14.28
C SER B 272 19.80 4.78 13.68
N ALA B 273 19.25 5.98 13.93
CA ALA B 273 17.92 6.30 13.41
C ALA B 273 17.90 6.29 11.89
N VAL B 274 18.89 6.92 11.27
CA VAL B 274 18.95 6.96 9.81
C VAL B 274 19.01 5.56 9.24
N GLU B 275 19.80 4.67 9.86
CA GLU B 275 19.91 3.30 9.36
C GLU B 275 18.59 2.55 9.51
N ILE B 276 17.96 2.62 10.69
CA ILE B 276 16.71 1.89 10.87
C ILE B 276 15.62 2.44 9.97
N LEU B 277 15.74 3.68 9.51
CA LEU B 277 14.77 4.20 8.55
C LEU B 277 15.16 3.91 7.11
N LEU B 278 16.46 3.96 6.79
CA LEU B 278 16.93 3.67 5.44
C LEU B 278 17.31 2.19 5.33
N THR B 279 16.28 1.36 5.37
CA THR B 279 16.43 -0.09 5.28
C THR B 279 15.72 -0.58 4.02
N ILE B 280 16.43 -1.39 3.22
CA ILE B 280 15.88 -1.85 1.95
C ILE B 280 14.66 -2.72 2.19
N ASP B 281 14.72 -3.62 3.17
CA ASP B 281 13.60 -4.50 3.47
C ASP B 281 12.44 -3.71 4.02
N ASP B 282 11.27 -3.82 3.40
CA ASP B 282 10.08 -3.14 3.90
C ASP B 282 9.71 -3.62 5.29
N THR B 283 9.84 -4.92 5.53
CA THR B 283 9.42 -5.53 6.78
C THR B 283 10.45 -5.41 7.90
N LYS B 284 11.70 -5.04 7.57
CA LYS B 284 12.72 -4.78 8.57
C LYS B 284 12.90 -3.30 8.87
N ARG B 285 12.34 -2.44 8.03
CA ARG B 285 12.48 -1.00 8.21
C ARG B 285 11.65 -0.53 9.41
N ALA B 286 12.12 0.55 10.04
CA ALA B 286 11.46 1.06 11.23
C ALA B 286 10.16 1.77 10.87
N GLY B 287 9.15 1.59 11.72
CA GLY B 287 7.91 2.33 11.61
C GLY B 287 7.78 3.37 12.71
N MET B 288 6.55 3.70 13.10
CA MET B 288 6.36 4.65 14.19
C MET B 288 6.78 4.03 15.53
N LYS B 289 6.33 2.79 15.78
CA LYS B 289 6.64 2.12 17.05
C LYS B 289 8.14 1.98 17.24
N GLU B 290 8.86 1.54 16.20
CA GLU B 290 10.31 1.45 16.29
C GLU B 290 10.93 2.81 16.54
N LEU B 291 10.31 3.87 16.01
CA LEU B 291 10.90 5.21 16.12
C LEU B 291 10.73 5.76 17.54
N LYS B 292 9.60 5.47 18.18
CA LYS B 292 9.37 6.02 19.52
C LYS B 292 10.31 5.39 20.55
N ARG B 293 10.62 4.10 20.41
CA ARG B 293 11.51 3.41 21.33
C ARG B 293 12.99 3.65 21.03
N HIS B 294 13.31 4.69 20.27
CA HIS B 294 14.69 4.76 19.81
C HIS B 294 15.52 5.68 20.71
N PRO B 295 16.81 5.38 20.87
CA PRO B 295 17.69 6.26 21.66
C PRO B 295 17.69 7.71 21.22
N LEU B 296 17.68 7.98 19.91
CA LEU B 296 17.67 9.35 19.44
C LEU B 296 16.40 10.08 19.87
N PHE B 297 15.25 9.40 19.78
CA PHE B 297 13.97 9.95 20.23
C PHE B 297 13.62 9.47 21.63
N SER B 298 14.58 9.46 22.55
CA SER B 298 14.32 9.00 23.91
C SER B 298 13.67 10.11 24.75
N ASP B 299 14.33 11.26 24.84
CA ASP B 299 13.82 12.39 25.62
C ASP B 299 12.75 13.18 24.87
N VAL B 300 11.81 12.49 24.23
CA VAL B 300 10.77 13.12 23.43
C VAL B 300 9.44 12.89 24.13
N ASP B 301 8.72 13.97 24.43
CA ASP B 301 7.38 13.88 25.02
C ASP B 301 6.38 13.84 23.87
N TRP B 302 6.20 12.64 23.32
CA TRP B 302 5.35 12.46 22.16
C TRP B 302 3.91 12.91 22.46
N GLU B 303 3.32 12.35 23.52
CA GLU B 303 1.91 12.58 23.83
C GLU B 303 1.56 14.06 24.02
N ASN B 304 2.56 14.94 24.11
CA ASN B 304 2.33 16.37 24.18
C ASN B 304 3.44 17.10 23.42
N LEU B 305 3.75 16.62 22.22
CA LEU B 305 4.79 17.25 21.42
C LEU B 305 4.30 18.57 20.81
N GLN B 306 2.99 18.70 20.62
CA GLN B 306 2.42 19.88 19.98
C GLN B 306 2.71 21.18 20.72
N HIS B 307 3.17 21.10 21.97
CA HIS B 307 3.34 22.29 22.81
C HIS B 307 4.81 22.59 23.11
N GLN B 308 5.74 21.87 22.51
CA GLN B 308 7.15 22.11 22.76
C GLN B 308 7.59 23.44 22.15
N THR B 309 8.77 23.89 22.55
CA THR B 309 9.34 25.13 22.04
C THR B 309 10.22 24.82 20.82
N MET B 310 10.02 25.59 19.75
CA MET B 310 10.71 25.29 18.50
C MET B 310 11.87 26.24 18.29
N PRO B 311 12.96 25.75 17.67
CA PRO B 311 14.16 26.59 17.52
C PRO B 311 13.93 27.86 16.69
N PHE B 312 13.34 27.72 15.51
CA PHE B 312 13.20 28.83 14.59
C PHE B 312 11.74 29.31 14.59
N ILE B 313 11.55 30.61 14.76
CA ILE B 313 10.22 31.22 14.77
C ILE B 313 10.17 32.33 13.72
N PRO B 314 9.17 32.34 12.85
CA PRO B 314 9.12 33.33 11.77
C PRO B 314 8.65 34.70 12.25
N GLN B 315 8.98 35.71 11.44
CA GLN B 315 8.50 37.08 11.65
C GLN B 315 7.92 37.61 10.34
N PRO B 316 6.79 38.35 10.40
CA PRO B 316 5.87 38.76 11.47
C PRO B 316 5.52 37.68 12.50
#